data_8CLW
#
_entry.id   8CLW
#
_cell.length_a   79.560
_cell.length_b   79.560
_cell.length_c   203.260
_cell.angle_alpha   90.00
_cell.angle_beta   90.00
_cell.angle_gamma   90.00
#
_symmetry.space_group_name_H-M   'P 43 21 2'
#
loop_
_entity.id
_entity.type
_entity.pdbx_description
1 polymer 'Cytokinin dehydrogenase 4'
2 non-polymer 'FLAVIN-ADENINE DINUCLEOTIDE'
3 non-polymer 2-[[3,5-bis(chloranyl)phenyl]carbamoylamino]-4-methoxy-benzamide
4 non-polymer GLYCEROL
5 non-polymer 1,2-ETHANEDIOL
6 water water
#
_entity_poly.entity_id   1
_entity_poly.type   'polypeptide(L)'
_entity_poly.pdbx_seq_one_letter_code
;MTRCLMFTLLFLVSSLISTVGLPVEPPAELLQLGGGDVGGGRLSVDASDIAEASRDFGGVARAEPMAVFHPRAAGDVAGL
VGAAFRSARGFRVSARGHGHSISGQAQAAGGVVVDMSRGRGPGAAVARALPVHSAALGGHYVDVWGGELWVDVLNWTLSH
GGLAPRSWTDYLYLSVGGTLSNAGISGQAFHHGPQISNVYELDVVTGKGEVVTCSETENPDLFFGVLGGLGQFGIITRAR
IALERAPKRVRWIRALYSNFSEFTADQERLISLGSGGGRRFDYVEGFVVAAEGLINNWRSSFFSPQNPVKLTSLKHHSSV
LYCLEVTKNYDDETAGSVDQDVDTLLGELNFLPGTVFTTDLPYVDFLDRVHKAELKLRAKGMWEVPHPWLNLFVPASRIA
DFDRGVFRGVLGGRTAGAGGPVLIYPMNKHKWDPRSSAVTPDEEVFYLVAFLRSALPGAPESLEALARQNQRILDFCAGT
GIGAKQYLPGHKARHEWAEHFGAARWDRFARLKAEFDPRAILAAGQGIFRPPGSPALAADS
;
_entity_poly.pdbx_strand_id   A
#
# COMPACT_ATOMS: atom_id res chain seq x y z
N GLY A 40 -17.43 4.70 25.74
CA GLY A 40 -18.06 4.05 24.59
C GLY A 40 -17.38 2.76 24.18
N GLY A 41 -16.04 2.77 24.17
CA GLY A 41 -15.20 1.65 23.79
C GLY A 41 -14.76 0.77 24.95
N ARG A 42 -14.13 -0.37 24.65
CA ARG A 42 -13.68 -1.27 25.71
C ARG A 42 -12.24 -1.75 25.58
N LEU A 43 -11.53 -1.72 26.71
CA LEU A 43 -10.17 -2.21 26.83
C LEU A 43 -10.26 -3.71 27.05
N SER A 44 -9.46 -4.47 26.31
CA SER A 44 -9.42 -5.92 26.38
C SER A 44 -8.03 -6.38 26.74
N VAL A 45 -7.98 -7.45 27.54
CA VAL A 45 -6.75 -8.10 27.94
C VAL A 45 -6.86 -9.60 27.58
N ASP A 46 -7.80 -9.92 26.67
CA ASP A 46 -8.00 -11.28 26.14
C ASP A 46 -6.65 -11.67 25.47
N ALA A 47 -6.09 -12.84 25.85
CA ALA A 47 -4.80 -13.31 25.35
C ALA A 47 -4.78 -13.43 23.83
N SER A 48 -5.92 -13.75 23.21
CA SER A 48 -6.06 -13.88 21.77
C SER A 48 -5.96 -12.49 21.09
N ASP A 49 -6.52 -11.46 21.76
CA ASP A 49 -6.51 -10.06 21.32
C ASP A 49 -5.09 -9.47 21.44
N ILE A 50 -4.41 -9.76 22.56
CA ILE A 50 -3.04 -9.33 22.82
C ILE A 50 -2.11 -10.00 21.82
N ALA A 51 -2.28 -11.31 21.58
CA ALA A 51 -1.46 -12.08 20.64
C ALA A 51 -1.58 -11.52 19.22
N GLU A 52 -2.81 -11.23 18.74
CA GLU A 52 -3.07 -10.67 17.40
C GLU A 52 -2.44 -9.28 17.24
N ALA A 53 -2.54 -8.43 18.27
CA ALA A 53 -1.99 -7.08 18.29
C ALA A 53 -0.44 -7.08 18.43
N SER A 54 0.15 -8.22 18.78
CA SER A 54 1.59 -8.41 19.02
C SER A 54 2.28 -9.04 17.83
N ARG A 55 1.56 -9.19 16.73
CA ARG A 55 2.12 -9.78 15.52
C ARG A 55 1.58 -9.08 14.27
N ASP A 56 2.24 -9.32 13.13
CA ASP A 56 1.78 -8.81 11.84
C ASP A 56 2.12 -9.83 10.78
N PHE A 57 1.79 -9.52 9.51
CA PHE A 57 2.02 -10.40 8.36
C PHE A 57 3.52 -10.73 8.15
N GLY A 58 4.42 -9.79 8.50
CA GLY A 58 5.87 -10.02 8.41
C GLY A 58 6.31 -11.22 9.23
N GLY A 59 5.65 -11.43 10.37
CA GLY A 59 5.90 -12.57 11.25
C GLY A 59 7.21 -12.54 12.02
N VAL A 60 7.81 -11.35 12.21
CA VAL A 60 9.10 -11.17 12.90
C VAL A 60 8.95 -10.28 14.13
N ALA A 61 8.50 -9.03 13.94
CA ALA A 61 8.31 -8.09 15.03
C ALA A 61 7.18 -8.57 15.95
N ARG A 62 7.43 -8.57 17.27
CA ARG A 62 6.48 -9.10 18.26
C ARG A 62 6.33 -8.25 19.53
N ALA A 63 6.36 -6.91 19.43
CA ALA A 63 6.21 -6.07 20.62
C ALA A 63 4.76 -6.07 21.12
N GLU A 64 4.57 -6.53 22.37
CA GLU A 64 3.26 -6.67 23.02
C GLU A 64 2.73 -5.40 23.67
N PRO A 65 1.44 -5.07 23.45
CA PRO A 65 0.85 -3.93 24.17
C PRO A 65 0.35 -4.42 25.56
N MET A 66 -0.09 -3.50 26.42
CA MET A 66 -0.70 -3.82 27.72
C MET A 66 -2.16 -4.29 27.50
N ALA A 67 -2.86 -3.65 26.53
CA ALA A 67 -4.27 -3.89 26.23
C ALA A 67 -4.61 -3.54 24.77
N VAL A 68 -5.77 -4.03 24.30
CA VAL A 68 -6.30 -3.78 22.97
C VAL A 68 -7.59 -2.98 23.16
N PHE A 69 -7.71 -1.86 22.46
CA PHE A 69 -8.89 -1.01 22.56
C PHE A 69 -9.83 -1.26 21.38
N HIS A 70 -11.12 -1.50 21.66
CA HIS A 70 -12.12 -1.75 20.63
C HIS A 70 -13.06 -0.53 20.61
N PRO A 71 -12.84 0.45 19.69
CA PRO A 71 -13.69 1.64 19.69
C PRO A 71 -15.04 1.40 19.02
N ARG A 72 -16.04 2.21 19.39
CA ARG A 72 -17.35 2.13 18.74
C ARG A 72 -17.44 3.25 17.73
N ALA A 73 -16.76 4.37 18.02
CA ALA A 73 -16.77 5.57 17.20
C ALA A 73 -15.48 6.38 17.37
N ALA A 74 -15.32 7.47 16.59
CA ALA A 74 -14.16 8.37 16.62
C ALA A 74 -13.87 8.97 17.98
N GLY A 75 -14.94 9.33 18.73
CA GLY A 75 -14.82 9.93 20.05
C GLY A 75 -14.11 9.03 21.03
N ASP A 76 -14.32 7.70 20.90
CA ASP A 76 -13.67 6.68 21.73
C ASP A 76 -12.18 6.67 21.48
N VAL A 77 -11.77 6.77 20.19
CA VAL A 77 -10.36 6.80 19.78
C VAL A 77 -9.77 8.09 20.37
N ALA A 78 -10.45 9.24 20.19
CA ALA A 78 -10.03 10.55 20.71
C ALA A 78 -9.83 10.51 22.22
N GLY A 79 -10.74 9.82 22.92
CA GLY A 79 -10.69 9.63 24.38
C GLY A 79 -9.44 8.90 24.79
N LEU A 80 -9.15 7.75 24.15
CA LEU A 80 -7.97 6.94 24.44
C LEU A 80 -6.67 7.68 24.14
N VAL A 81 -6.58 8.38 22.98
CA VAL A 81 -5.38 9.12 22.61
C VAL A 81 -5.22 10.32 23.57
N GLY A 82 -6.33 10.96 23.94
CA GLY A 82 -6.32 12.07 24.87
C GLY A 82 -5.75 11.67 26.22
N ALA A 83 -6.15 10.48 26.72
CA ALA A 83 -5.69 9.89 27.98
C ALA A 83 -4.19 9.57 27.91
N ALA A 84 -3.70 9.06 26.74
CA ALA A 84 -2.25 8.79 26.53
C ALA A 84 -1.49 10.11 26.59
N PHE A 85 -2.02 11.16 25.90
CA PHE A 85 -1.41 12.49 25.86
C PHE A 85 -1.31 13.15 27.23
N ARG A 86 -2.37 13.00 28.06
CA ARG A 86 -2.42 13.58 29.40
CA ARG A 86 -2.45 13.57 29.41
C ARG A 86 -1.69 12.75 30.46
N SER A 87 -1.53 11.43 30.24
CA SER A 87 -0.83 10.53 31.19
C SER A 87 0.60 10.98 31.52
N ALA A 88 1.11 10.56 32.70
CA ALA A 88 2.45 10.93 33.15
C ALA A 88 3.52 10.30 32.26
N ARG A 89 3.42 8.97 32.04
CA ARG A 89 4.36 8.21 31.23
C ARG A 89 4.21 8.45 29.70
N GLY A 90 2.99 8.73 29.24
CA GLY A 90 2.69 8.94 27.82
C GLY A 90 2.80 7.63 27.06
N PHE A 91 1.95 6.67 27.43
CA PHE A 91 1.98 5.35 26.80
C PHE A 91 1.73 5.40 25.27
N ARG A 92 2.27 4.40 24.58
CA ARG A 92 2.18 4.27 23.14
C ARG A 92 0.80 3.87 22.73
N VAL A 93 0.29 4.53 21.69
CA VAL A 93 -0.98 4.17 21.08
C VAL A 93 -0.77 3.94 19.58
N SER A 94 -1.18 2.79 19.07
CA SER A 94 -1.11 2.55 17.63
C SER A 94 -2.40 1.95 17.11
N ALA A 95 -2.85 2.45 15.96
CA ALA A 95 -4.02 1.88 15.30
C ALA A 95 -3.53 0.65 14.53
N ARG A 96 -4.31 -0.43 14.55
CA ARG A 96 -4.06 -1.62 13.76
C ARG A 96 -5.23 -1.76 12.75
N GLY A 97 -4.88 -1.90 11.47
CA GLY A 97 -5.85 -2.09 10.41
C GLY A 97 -6.13 -3.56 10.30
N HIS A 98 -5.50 -4.22 9.33
CA HIS A 98 -5.66 -5.65 9.18
C HIS A 98 -4.36 -6.40 9.56
N GLY A 99 -3.40 -5.69 10.14
CA GLY A 99 -2.11 -6.23 10.57
C GLY A 99 -1.21 -6.70 9.44
N HIS A 100 -1.26 -6.00 8.29
CA HIS A 100 -0.47 -6.44 7.15
C HIS A 100 0.97 -5.85 7.09
N SER A 101 1.38 -5.11 8.15
CA SER A 101 2.74 -4.57 8.29
C SER A 101 3.78 -5.70 8.27
N ILE A 102 4.99 -5.39 7.80
CA ILE A 102 6.07 -6.35 7.65
C ILE A 102 7.02 -6.27 8.84
N SER A 103 7.16 -5.12 9.48
CA SER A 103 8.18 -5.04 10.52
C SER A 103 7.75 -4.27 11.78
N GLY A 104 6.54 -4.59 12.26
CA GLY A 104 5.96 -4.07 13.51
C GLY A 104 5.47 -2.65 13.52
N GLN A 105 5.20 -2.05 12.33
CA GLN A 105 4.74 -0.67 12.21
C GLN A 105 3.43 -0.37 13.03
N ALA A 106 2.56 -1.38 13.24
CA ALA A 106 1.29 -1.18 13.97
C ALA A 106 1.35 -1.69 15.46
N GLN A 107 2.57 -1.96 15.96
CA GLN A 107 2.76 -2.44 17.33
C GLN A 107 3.03 -1.28 18.31
N ALA A 108 2.42 -1.33 19.51
CA ALA A 108 2.56 -0.27 20.51
C ALA A 108 3.08 -0.93 21.81
N ALA A 109 4.41 -1.12 21.89
CA ALA A 109 5.13 -1.79 23.00
C ALA A 109 4.72 -1.19 24.35
N GLY A 110 4.14 -2.03 25.22
CA GLY A 110 3.67 -1.66 26.56
C GLY A 110 2.62 -0.55 26.59
N GLY A 111 1.88 -0.39 25.50
CA GLY A 111 0.86 0.64 25.39
C GLY A 111 -0.47 0.06 25.02
N VAL A 112 -1.20 0.73 24.12
CA VAL A 112 -2.49 0.22 23.68
C VAL A 112 -2.57 0.15 22.14
N VAL A 113 -3.03 -0.98 21.60
CA VAL A 113 -3.27 -1.11 20.17
C VAL A 113 -4.79 -0.89 19.97
N VAL A 114 -5.15 0.05 19.09
CA VAL A 114 -6.55 0.32 18.75
C VAL A 114 -6.91 -0.65 17.63
N ASP A 115 -7.80 -1.62 17.90
CA ASP A 115 -8.27 -2.55 16.87
C ASP A 115 -9.33 -1.77 16.06
N MET A 116 -8.94 -1.23 14.88
CA MET A 116 -9.84 -0.42 14.07
C MET A 116 -10.86 -1.22 13.29
N SER A 117 -10.78 -2.56 13.28
CA SER A 117 -11.68 -3.45 12.51
C SER A 117 -13.17 -3.34 12.83
N ARG A 118 -13.54 -3.04 14.09
CA ARG A 118 -14.94 -2.91 14.52
C ARG A 118 -15.76 -4.19 14.26
N ALA A 125 -22.59 -3.68 13.41
CA ALA A 125 -23.70 -3.05 14.13
C ALA A 125 -23.84 -1.56 13.82
N VAL A 126 -22.73 -0.91 13.37
CA VAL A 126 -22.70 0.52 13.02
C VAL A 126 -23.22 0.75 11.59
N ALA A 127 -24.00 1.83 11.40
CA ALA A 127 -24.60 2.21 10.11
C ALA A 127 -23.58 2.95 9.25
N ARG A 128 -23.45 2.50 8.01
CA ARG A 128 -22.51 3.00 7.02
C ARG A 128 -23.10 4.09 6.15
N ALA A 129 -22.28 5.09 5.81
CA ALA A 129 -22.68 6.19 4.95
C ALA A 129 -22.87 5.69 3.53
N LEU A 130 -23.90 6.20 2.83
CA LEU A 130 -24.15 5.79 1.46
C LEU A 130 -23.31 6.66 0.57
N PRO A 131 -22.93 6.22 -0.64
CA PRO A 131 -22.22 7.12 -1.56
C PRO A 131 -23.07 8.36 -1.82
N VAL A 132 -22.40 9.48 -2.12
CA VAL A 132 -23.05 10.76 -2.33
C VAL A 132 -22.52 11.34 -3.65
N HIS A 133 -23.38 12.04 -4.40
CA HIS A 133 -22.96 12.74 -5.61
C HIS A 133 -22.81 14.23 -5.26
N SER A 134 -21.78 14.86 -5.81
CA SER A 134 -21.54 16.26 -5.64
C SER A 134 -21.42 16.91 -7.01
N ALA A 135 -22.27 17.93 -7.27
CA ALA A 135 -22.22 18.67 -8.52
C ALA A 135 -20.97 19.51 -8.58
N ALA A 136 -20.43 19.91 -7.41
CA ALA A 136 -19.23 20.76 -7.31
C ALA A 136 -17.93 20.01 -7.62
N LEU A 137 -17.85 18.74 -7.23
CA LEU A 137 -16.64 17.93 -7.45
C LEU A 137 -16.72 17.22 -8.80
N GLY A 138 -17.94 17.15 -9.35
CA GLY A 138 -18.22 16.49 -10.62
C GLY A 138 -18.20 14.98 -10.54
N GLY A 139 -18.48 14.46 -9.35
CA GLY A 139 -18.50 13.01 -9.12
C GLY A 139 -19.00 12.60 -7.75
N HIS A 140 -18.89 11.29 -7.49
CA HIS A 140 -19.33 10.68 -6.26
C HIS A 140 -18.17 10.48 -5.27
N TYR A 141 -18.55 10.25 -4.02
CA TYR A 141 -17.63 9.95 -2.95
C TYR A 141 -18.38 9.13 -1.95
N VAL A 142 -17.66 8.50 -1.02
CA VAL A 142 -18.23 7.78 0.10
C VAL A 142 -17.35 8.01 1.35
N ASP A 143 -17.99 8.20 2.49
CA ASP A 143 -17.30 8.33 3.76
C ASP A 143 -17.21 6.94 4.33
N VAL A 144 -16.00 6.55 4.75
CA VAL A 144 -15.81 5.21 5.32
C VAL A 144 -15.07 5.33 6.64
N TRP A 145 -15.29 4.41 7.58
CA TRP A 145 -14.57 4.35 8.85
C TRP A 145 -13.11 3.98 8.48
N GLY A 146 -12.13 4.60 9.13
CA GLY A 146 -10.71 4.33 8.84
C GLY A 146 -10.28 2.87 8.92
N GLY A 147 -10.97 2.08 9.73
CA GLY A 147 -10.69 0.67 9.91
C GLY A 147 -11.37 -0.22 8.89
N GLU A 148 -12.24 0.34 8.04
CA GLU A 148 -12.95 -0.45 7.01
C GLU A 148 -11.93 -1.09 6.07
N LEU A 149 -12.21 -2.33 5.61
CA LEU A 149 -11.35 -3.02 4.65
C LEU A 149 -11.79 -2.61 3.28
N TRP A 150 -10.87 -2.48 2.33
CA TRP A 150 -11.22 -2.10 0.95
C TRP A 150 -12.20 -3.07 0.27
N VAL A 151 -12.13 -4.39 0.58
CA VAL A 151 -13.04 -5.43 0.03
C VAL A 151 -14.52 -5.09 0.45
N ASP A 152 -14.70 -4.61 1.69
CA ASP A 152 -16.01 -4.22 2.24
C ASP A 152 -16.48 -2.89 1.68
N VAL A 153 -15.56 -1.97 1.39
CA VAL A 153 -15.88 -0.68 0.77
C VAL A 153 -16.44 -0.97 -0.62
N LEU A 154 -15.72 -1.78 -1.41
CA LEU A 154 -16.10 -2.17 -2.76
C LEU A 154 -17.51 -2.79 -2.78
N ASN A 155 -17.77 -3.80 -1.93
CA ASN A 155 -19.07 -4.46 -1.88
C ASN A 155 -20.20 -3.48 -1.57
N TRP A 156 -19.95 -2.53 -0.64
CA TRP A 156 -20.89 -1.50 -0.28
C TRP A 156 -21.20 -0.55 -1.43
N THR A 157 -20.17 0.00 -2.10
CA THR A 157 -20.34 0.97 -3.16
C THR A 157 -20.96 0.35 -4.39
N LEU A 158 -20.63 -0.93 -4.67
CA LEU A 158 -21.22 -1.63 -5.81
C LEU A 158 -22.74 -1.82 -5.59
N SER A 159 -23.13 -2.24 -4.37
CA SER A 159 -24.53 -2.45 -3.99
C SER A 159 -25.33 -1.14 -3.84
N HIS A 160 -24.66 0.03 -3.87
CA HIS A 160 -25.30 1.34 -3.74
C HIS A 160 -25.01 2.24 -4.92
N GLY A 161 -25.49 1.83 -6.09
CA GLY A 161 -25.31 2.64 -7.28
C GLY A 161 -24.28 2.13 -8.26
N GLY A 162 -23.71 0.93 -8.01
CA GLY A 162 -22.72 0.35 -8.90
C GLY A 162 -21.49 1.22 -9.04
N LEU A 163 -21.06 1.84 -7.92
CA LEU A 163 -19.90 2.74 -7.88
C LEU A 163 -18.71 2.00 -7.26
N ALA A 164 -17.48 2.50 -7.50
CA ALA A 164 -16.29 1.90 -6.92
C ALA A 164 -15.14 2.89 -6.85
N PRO A 165 -14.22 2.69 -5.88
CA PRO A 165 -12.96 3.45 -5.89
C PRO A 165 -12.25 3.24 -7.25
N ARG A 166 -11.44 4.21 -7.68
CA ARG A 166 -10.75 4.20 -8.99
C ARG A 166 -9.34 3.60 -8.89
N SER A 167 -8.76 3.68 -7.72
CA SER A 167 -7.36 3.30 -7.47
C SER A 167 -7.29 2.28 -6.37
N TRP A 168 -6.58 1.17 -6.64
CA TRP A 168 -6.55 0.03 -5.73
C TRP A 168 -5.19 -0.40 -5.20
N THR A 169 -5.21 -1.40 -4.30
CA THR A 169 -4.05 -2.22 -3.92
C THR A 169 -4.33 -3.59 -4.62
N ASP A 170 -3.31 -4.47 -4.74
CA ASP A 170 -3.48 -5.81 -5.32
C ASP A 170 -4.29 -6.68 -4.37
N TYR A 171 -4.32 -6.32 -3.08
CA TYR A 171 -4.99 -7.10 -2.06
C TYR A 171 -5.97 -6.21 -1.31
N LEU A 172 -7.24 -6.61 -1.25
CA LEU A 172 -8.31 -5.78 -0.70
C LEU A 172 -8.63 -5.96 0.77
N TYR A 173 -8.01 -6.95 1.42
CA TYR A 173 -8.16 -7.19 2.85
C TYR A 173 -7.10 -6.37 3.57
N LEU A 174 -7.14 -5.07 3.28
CA LEU A 174 -6.28 -4.03 3.88
C LEU A 174 -7.22 -2.96 4.33
N SER A 175 -6.86 -2.23 5.40
CA SER A 175 -7.70 -1.14 5.89
C SER A 175 -7.45 0.14 5.10
N VAL A 176 -8.47 0.95 5.05
CA VAL A 176 -8.43 2.25 4.37
C VAL A 176 -7.36 3.14 5.04
N GLY A 177 -7.41 3.26 6.36
CA GLY A 177 -6.46 4.09 7.11
C GLY A 177 -5.03 3.63 6.98
N GLY A 178 -4.84 2.30 6.88
CA GLY A 178 -3.54 1.64 6.70
C GLY A 178 -2.92 1.96 5.35
N THR A 179 -3.67 1.76 4.24
CA THR A 179 -3.11 2.10 2.91
C THR A 179 -2.93 3.60 2.74
N LEU A 180 -3.90 4.40 3.24
CA LEU A 180 -3.76 5.87 3.16
C LEU A 180 -2.59 6.42 3.96
N SER A 181 -2.09 5.68 4.95
CA SER A 181 -0.90 6.09 5.71
C SER A 181 0.41 5.75 4.92
N ASN A 182 0.31 5.04 3.78
CA ASN A 182 1.47 4.62 2.98
C ASN A 182 1.35 5.22 1.58
N ALA A 183 0.45 4.69 0.76
CA ALA A 183 0.14 5.29 -0.54
C ALA A 183 -1.03 4.54 -1.12
N GLY A 184 -0.92 3.21 -1.19
CA GLY A 184 -1.94 2.32 -1.77
C GLY A 184 -1.76 2.31 -3.28
N ILE A 185 -0.98 1.34 -3.79
CA ILE A 185 -0.66 1.24 -5.22
C ILE A 185 -1.00 -0.11 -5.83
N SER A 186 -1.35 -0.07 -7.11
CA SER A 186 -1.62 -1.26 -7.92
C SER A 186 -1.54 -0.79 -9.38
N GLY A 187 -2.02 -1.62 -10.32
CA GLY A 187 -1.93 -1.29 -11.74
C GLY A 187 -2.68 -0.06 -12.23
N GLN A 188 -3.54 0.60 -11.39
CA GLN A 188 -4.29 1.82 -11.78
C GLN A 188 -3.54 3.08 -11.43
N ALA A 189 -2.50 3.01 -10.56
CA ALA A 189 -1.81 4.22 -10.09
C ALA A 189 -1.15 5.05 -11.19
N PHE A 190 -0.68 4.43 -12.29
CA PHE A 190 -0.04 5.24 -13.36
C PHE A 190 -1.03 6.30 -13.91
N HIS A 191 -2.33 5.99 -13.89
CA HIS A 191 -3.38 6.84 -14.44
C HIS A 191 -4.13 7.65 -13.37
N HIS A 192 -4.60 7.02 -12.29
CA HIS A 192 -5.37 7.68 -11.22
C HIS A 192 -4.54 8.19 -10.04
N GLY A 193 -3.29 7.75 -9.99
CA GLY A 193 -2.40 8.02 -8.89
C GLY A 193 -2.68 6.98 -7.82
N PRO A 194 -1.87 6.99 -6.73
CA PRO A 194 -2.12 6.08 -5.61
C PRO A 194 -3.44 6.43 -4.88
N GLN A 195 -3.86 5.57 -3.97
CA GLN A 195 -5.09 5.82 -3.21
C GLN A 195 -4.99 7.18 -2.43
N ILE A 196 -3.76 7.62 -2.03
CA ILE A 196 -3.61 8.94 -1.35
C ILE A 196 -3.95 10.13 -2.29
N SER A 197 -4.02 9.90 -3.64
CA SER A 197 -4.42 10.95 -4.61
C SER A 197 -5.94 10.87 -4.95
N ASN A 198 -6.70 9.97 -4.28
CA ASN A 198 -8.11 9.72 -4.56
C ASN A 198 -8.97 9.83 -3.29
N VAL A 199 -8.59 10.77 -2.42
CA VAL A 199 -9.28 11.00 -1.16
C VAL A 199 -9.53 12.52 -1.02
N TYR A 200 -10.77 12.88 -0.73
CA TYR A 200 -11.19 14.27 -0.61
C TYR A 200 -11.02 14.87 0.76
N GLU A 201 -11.20 14.08 1.79
CA GLU A 201 -11.23 14.62 3.14
C GLU A 201 -11.02 13.52 4.11
N LEU A 202 -10.57 13.89 5.32
CA LEU A 202 -10.37 12.95 6.41
C LEU A 202 -10.88 13.56 7.70
N ASP A 203 -11.20 12.71 8.67
CA ASP A 203 -11.32 13.05 10.09
C ASP A 203 -10.09 12.35 10.69
N VAL A 204 -9.32 13.11 11.44
CA VAL A 204 -8.09 12.59 12.08
C VAL A 204 -8.13 12.89 13.59
N VAL A 205 -7.82 11.88 14.39
CA VAL A 205 -7.62 12.02 15.84
C VAL A 205 -6.10 12.25 15.96
N THR A 206 -5.68 13.47 16.29
CA THR A 206 -4.26 13.81 16.46
C THR A 206 -3.64 13.14 17.70
N GLY A 207 -2.32 13.26 17.84
CA GLY A 207 -1.56 12.76 18.99
C GLY A 207 -1.88 13.49 20.29
N LYS A 208 -2.70 14.56 20.22
CA LYS A 208 -3.20 15.35 21.36
C LYS A 208 -4.67 14.96 21.68
N GLY A 209 -5.22 13.97 20.94
CA GLY A 209 -6.58 13.48 21.14
C GLY A 209 -7.68 14.40 20.65
N GLU A 210 -7.34 15.31 19.73
CA GLU A 210 -8.30 16.24 19.14
C GLU A 210 -8.80 15.63 17.79
N VAL A 211 -10.12 15.67 17.53
CA VAL A 211 -10.70 15.21 16.26
C VAL A 211 -10.67 16.41 15.33
N VAL A 212 -10.04 16.27 14.17
CA VAL A 212 -9.87 17.35 13.19
C VAL A 212 -10.36 16.88 11.83
N THR A 213 -11.20 17.70 11.17
CA THR A 213 -11.65 17.45 9.82
C THR A 213 -10.67 18.20 8.94
N CYS A 214 -10.10 17.50 7.94
CA CYS A 214 -9.09 18.12 7.09
C CYS A 214 -9.22 17.68 5.65
N SER A 215 -8.73 18.54 4.73
CA SER A 215 -8.81 18.40 3.27
C SER A 215 -7.84 19.39 2.68
N GLU A 216 -7.80 19.53 1.36
CA GLU A 216 -6.97 20.53 0.68
C GLU A 216 -7.35 21.99 1.09
N THR A 217 -8.61 22.23 1.45
CA THR A 217 -9.08 23.58 1.78
C THR A 217 -9.23 23.84 3.27
N GLU A 218 -9.11 22.79 4.10
CA GLU A 218 -9.33 22.90 5.54
C GLU A 218 -8.27 22.11 6.29
N ASN A 219 -7.39 22.80 7.07
CA ASN A 219 -6.26 22.19 7.78
C ASN A 219 -5.42 21.35 6.77
N PRO A 220 -5.01 21.92 5.60
CA PRO A 220 -4.28 21.12 4.59
C PRO A 220 -2.97 20.52 5.04
N ASP A 221 -2.24 21.19 5.98
CA ASP A 221 -0.98 20.67 6.50
C ASP A 221 -1.22 19.34 7.17
N LEU A 222 -2.34 19.21 7.95
CA LEU A 222 -2.64 17.94 8.60
C LEU A 222 -3.04 16.89 7.55
N PHE A 223 -3.94 17.26 6.61
CA PHE A 223 -4.46 16.36 5.56
C PHE A 223 -3.30 15.76 4.73
N PHE A 224 -2.48 16.63 4.11
CA PHE A 224 -1.34 16.18 3.32
C PHE A 224 -0.27 15.50 4.18
N GLY A 225 -0.12 15.88 5.45
CA GLY A 225 0.85 15.27 6.34
C GLY A 225 0.48 13.83 6.64
N VAL A 226 -0.79 13.61 6.96
CA VAL A 226 -1.33 12.29 7.29
C VAL A 226 -1.25 11.33 6.09
N LEU A 227 -1.55 11.82 4.87
CA LEU A 227 -1.51 11.02 3.64
C LEU A 227 -0.04 10.61 3.34
N GLY A 228 0.25 9.32 3.45
CA GLY A 228 1.59 8.77 3.29
C GLY A 228 2.44 9.00 4.52
N GLY A 229 1.81 9.49 5.59
CA GLY A 229 2.45 9.89 6.85
C GLY A 229 2.83 8.86 7.87
N LEU A 230 2.68 7.56 7.55
CA LEU A 230 3.12 6.45 8.40
C LEU A 230 2.48 6.46 9.81
N GLY A 231 1.26 6.99 9.90
CA GLY A 231 0.50 7.10 11.15
C GLY A 231 1.09 8.04 12.18
N GLN A 232 2.05 8.91 11.75
CA GLN A 232 2.81 9.76 12.69
C GLN A 232 2.07 10.97 13.27
N PHE A 233 0.99 11.42 12.61
CA PHE A 233 0.31 12.65 13.00
C PHE A 233 -1.12 12.48 13.48
N GLY A 234 -1.62 11.25 13.47
CA GLY A 234 -2.98 10.99 13.89
C GLY A 234 -3.55 9.72 13.34
N ILE A 235 -4.70 9.31 13.91
CA ILE A 235 -5.43 8.11 13.52
C ILE A 235 -6.59 8.56 12.61
N ILE A 236 -6.65 7.99 11.40
CA ILE A 236 -7.72 8.30 10.45
C ILE A 236 -8.96 7.57 10.93
N THR A 237 -10.02 8.34 11.25
CA THR A 237 -11.31 7.75 11.69
C THR A 237 -12.34 7.79 10.58
N ARG A 238 -12.20 8.72 9.63
CA ARG A 238 -13.05 8.82 8.44
C ARG A 238 -12.20 9.19 7.26
N ALA A 239 -12.48 8.56 6.12
CA ALA A 239 -11.86 8.97 4.85
C ALA A 239 -12.96 9.11 3.81
N ARG A 240 -12.93 10.18 3.03
CA ARG A 240 -13.89 10.46 1.98
C ARG A 240 -13.27 10.06 0.64
N ILE A 241 -13.61 8.85 0.15
CA ILE A 241 -13.00 8.20 -1.02
C ILE A 241 -13.71 8.59 -2.30
N ALA A 242 -12.91 8.94 -3.32
CA ALA A 242 -13.47 9.27 -4.63
C ALA A 242 -13.95 7.97 -5.28
N LEU A 243 -15.04 8.07 -6.05
CA LEU A 243 -15.67 6.90 -6.68
C LEU A 243 -15.95 7.21 -8.11
N GLU A 244 -16.03 6.16 -8.92
CA GLU A 244 -16.40 6.24 -10.32
C GLU A 244 -17.45 5.18 -10.57
N ARG A 245 -18.13 5.24 -11.71
CA ARG A 245 -19.09 4.21 -12.06
C ARG A 245 -18.22 3.00 -12.37
N ALA A 246 -18.49 1.91 -11.66
CA ALA A 246 -17.71 0.70 -11.84
C ALA A 246 -17.88 0.00 -13.19
N PRO A 247 -16.80 -0.59 -13.76
CA PRO A 247 -17.00 -1.47 -14.94
C PRO A 247 -17.68 -2.75 -14.43
N LYS A 248 -18.28 -3.53 -15.35
CA LYS A 248 -18.90 -4.80 -14.89
C LYS A 248 -17.90 -5.94 -15.02
N ARG A 249 -17.10 -5.90 -16.10
CA ARG A 249 -16.15 -6.96 -16.40
C ARG A 249 -14.76 -6.46 -16.76
N VAL A 250 -13.83 -7.39 -16.80
CA VAL A 250 -12.42 -7.12 -17.07
C VAL A 250 -11.90 -8.15 -18.07
N ARG A 251 -11.20 -7.69 -19.10
CA ARG A 251 -10.45 -8.55 -20.01
C ARG A 251 -8.99 -8.48 -19.44
N TRP A 252 -8.56 -9.54 -18.76
CA TRP A 252 -7.29 -9.71 -18.07
C TRP A 252 -6.31 -10.46 -18.96
N ILE A 253 -5.21 -9.77 -19.34
CA ILE A 253 -4.21 -10.24 -20.27
C ILE A 253 -2.82 -10.36 -19.62
N ARG A 254 -2.09 -11.42 -19.98
CA ARG A 254 -0.70 -11.60 -19.57
C ARG A 254 0.08 -11.98 -20.81
N ALA A 255 1.28 -11.39 -21.01
CA ALA A 255 2.14 -11.70 -22.17
C ALA A 255 3.59 -11.82 -21.69
N LEU A 256 4.40 -12.68 -22.33
CA LEU A 256 5.78 -12.94 -21.90
C LEU A 256 6.83 -12.23 -22.74
N TYR A 257 7.96 -11.87 -22.07
CA TYR A 257 9.12 -11.22 -22.68
C TYR A 257 10.37 -11.89 -22.16
N SER A 258 11.36 -12.07 -23.04
CA SER A 258 12.67 -12.59 -22.63
C SER A 258 13.65 -11.38 -22.61
N ASN A 259 13.29 -10.30 -23.32
CA ASN A 259 14.11 -9.12 -23.43
C ASN A 259 13.63 -8.02 -22.46
N PHE A 260 14.43 -7.74 -21.40
CA PHE A 260 14.10 -6.75 -20.39
C PHE A 260 13.98 -5.33 -20.94
N SER A 261 14.79 -4.98 -21.99
CA SER A 261 14.73 -3.65 -22.64
C SER A 261 13.41 -3.46 -23.35
N GLU A 262 12.91 -4.52 -24.02
CA GLU A 262 11.63 -4.46 -24.72
C GLU A 262 10.48 -4.41 -23.70
N PHE A 263 10.57 -5.21 -22.62
CA PHE A 263 9.59 -5.26 -21.54
C PHE A 263 9.35 -3.89 -20.90
N THR A 264 10.43 -3.25 -20.38
CA THR A 264 10.38 -1.93 -19.77
C THR A 264 9.95 -0.88 -20.78
N ALA A 265 10.47 -0.93 -22.03
CA ALA A 265 10.03 0.03 -23.07
C ALA A 265 8.51 -0.05 -23.28
N ASP A 266 7.97 -1.26 -23.33
CA ASP A 266 6.52 -1.48 -23.49
C ASP A 266 5.71 -1.02 -22.28
N GLN A 267 6.19 -1.32 -21.05
CA GLN A 267 5.53 -0.83 -19.82
C GLN A 267 5.51 0.71 -19.78
N GLU A 268 6.64 1.34 -20.09
CA GLU A 268 6.76 2.79 -20.10
C GLU A 268 5.88 3.46 -21.15
N ARG A 269 5.76 2.82 -22.32
CA ARG A 269 4.88 3.34 -23.36
C ARG A 269 3.41 3.21 -22.91
N LEU A 270 3.00 2.06 -22.34
CA LEU A 270 1.64 1.84 -21.87
C LEU A 270 1.18 2.82 -20.80
N ILE A 271 2.10 3.26 -19.90
CA ILE A 271 1.73 4.19 -18.81
C ILE A 271 1.69 5.64 -19.28
N SER A 272 2.15 5.93 -20.50
CA SER A 272 2.13 7.28 -21.07
C SER A 272 0.85 7.55 -21.90
N LEU A 273 0.04 6.51 -22.15
CA LEU A 273 -1.16 6.57 -23.01
C LEU A 273 -2.33 7.36 -22.43
N GLY A 278 -7.97 9.03 -25.83
CA GLY A 278 -6.97 8.05 -26.26
C GLY A 278 -7.19 6.66 -25.70
N ARG A 279 -6.91 5.64 -26.53
CA ARG A 279 -7.05 4.22 -26.17
C ARG A 279 -5.90 3.82 -25.21
N ARG A 280 -6.23 3.09 -24.13
CA ARG A 280 -5.24 2.65 -23.14
C ARG A 280 -5.79 1.53 -22.29
N PHE A 281 -4.89 0.83 -21.59
CA PHE A 281 -5.27 -0.20 -20.64
C PHE A 281 -5.64 0.52 -19.35
N ASP A 282 -6.46 -0.11 -18.53
CA ASP A 282 -6.92 0.42 -17.24
C ASP A 282 -6.03 -0.02 -16.10
N TYR A 283 -5.11 -0.94 -16.39
CA TYR A 283 -4.23 -1.53 -15.39
C TYR A 283 -2.96 -1.96 -16.07
N VAL A 284 -1.81 -1.62 -15.46
CA VAL A 284 -0.50 -2.01 -16.01
C VAL A 284 0.37 -2.49 -14.84
N GLU A 285 0.67 -3.79 -14.80
CA GLU A 285 1.61 -4.35 -13.85
C GLU A 285 2.61 -5.26 -14.62
N GLY A 286 3.47 -5.92 -13.88
CA GLY A 286 4.46 -6.82 -14.44
C GLY A 286 5.06 -7.62 -13.33
N PHE A 287 5.68 -8.76 -13.69
CA PHE A 287 6.33 -9.60 -12.73
C PHE A 287 7.47 -10.38 -13.39
N VAL A 288 8.45 -10.78 -12.58
CA VAL A 288 9.62 -11.55 -13.02
C VAL A 288 9.28 -13.00 -12.82
N VAL A 289 9.53 -13.83 -13.85
CA VAL A 289 9.22 -15.27 -13.89
C VAL A 289 10.52 -16.10 -14.01
N ALA A 290 10.61 -17.20 -13.25
CA ALA A 290 11.73 -18.16 -13.33
C ALA A 290 11.53 -19.03 -14.60
N ALA A 291 12.64 -19.35 -15.31
CA ALA A 291 12.71 -20.15 -16.55
C ALA A 291 11.68 -21.30 -16.67
N GLU A 292 11.66 -22.24 -15.70
CA GLU A 292 10.78 -23.41 -15.68
C GLU A 292 9.33 -23.07 -15.33
N SER A 319 17.30 -17.28 -18.82
CA SER A 319 17.22 -17.69 -17.42
C SER A 319 15.94 -17.16 -16.73
N VAL A 320 15.59 -15.89 -17.01
CA VAL A 320 14.39 -15.24 -16.45
C VAL A 320 13.52 -14.69 -17.56
N LEU A 321 12.22 -14.65 -17.30
CA LEU A 321 11.25 -14.07 -18.22
C LEU A 321 10.52 -12.97 -17.48
N TYR A 322 9.91 -12.06 -18.22
CA TYR A 322 9.14 -10.96 -17.64
C TYR A 322 7.73 -11.06 -18.17
N CYS A 323 6.77 -10.94 -17.28
CA CYS A 323 5.38 -11.01 -17.67
C CYS A 323 4.76 -9.65 -17.56
N LEU A 324 4.19 -9.19 -18.69
CA LEU A 324 3.44 -7.97 -18.74
C LEU A 324 1.98 -8.34 -18.40
N GLU A 325 1.36 -7.61 -17.46
CA GLU A 325 -0.03 -7.91 -17.07
C GLU A 325 -0.85 -6.66 -17.21
N VAL A 326 -1.88 -6.74 -18.06
CA VAL A 326 -2.73 -5.60 -18.38
C VAL A 326 -4.19 -5.99 -18.32
N THR A 327 -5.06 -4.98 -18.20
CA THR A 327 -6.52 -5.19 -18.24
C THR A 327 -7.19 -4.12 -19.05
N LYS A 328 -8.38 -4.46 -19.54
CA LYS A 328 -9.25 -3.53 -20.22
C LYS A 328 -10.62 -3.71 -19.53
N ASN A 329 -11.04 -2.68 -18.80
CA ASN A 329 -12.33 -2.66 -18.09
C ASN A 329 -13.45 -2.41 -19.08
N TYR A 330 -14.62 -3.04 -18.86
CA TYR A 330 -15.77 -2.79 -19.75
C TYR A 330 -17.13 -3.10 -19.09
N ASP A 331 -18.20 -2.57 -19.71
CA ASP A 331 -19.57 -2.75 -19.24
C ASP A 331 -20.47 -3.12 -20.43
N ASP A 332 -21.81 -3.06 -20.27
CA ASP A 332 -22.74 -3.38 -21.35
C ASP A 332 -22.58 -2.46 -22.57
N GLU A 333 -22.34 -1.16 -22.33
CA GLU A 333 -22.15 -0.13 -23.37
C GLU A 333 -20.87 -0.31 -24.20
N THR A 334 -19.76 -0.75 -23.56
CA THR A 334 -18.47 -0.92 -24.23
C THR A 334 -18.12 -2.38 -24.58
N ALA A 335 -19.03 -3.35 -24.31
CA ALA A 335 -18.78 -4.76 -24.61
C ALA A 335 -18.53 -5.07 -26.08
N GLY A 336 -19.16 -4.29 -26.97
CA GLY A 336 -19.03 -4.42 -28.42
C GLY A 336 -17.73 -3.97 -29.02
N SER A 337 -16.97 -3.12 -28.28
CA SER A 337 -15.67 -2.59 -28.76
C SER A 337 -14.45 -3.13 -28.00
N VAL A 338 -14.65 -3.90 -26.90
CA VAL A 338 -13.56 -4.37 -26.05
C VAL A 338 -12.54 -5.25 -26.83
N ASP A 339 -13.02 -6.24 -27.63
CA ASP A 339 -12.13 -7.12 -28.39
C ASP A 339 -11.20 -6.36 -29.35
N GLN A 340 -11.73 -5.35 -30.05
CA GLN A 340 -10.92 -4.57 -30.97
C GLN A 340 -9.98 -3.62 -30.25
N ASP A 341 -10.43 -2.98 -29.15
CA ASP A 341 -9.60 -2.10 -28.35
C ASP A 341 -8.37 -2.85 -27.85
N VAL A 342 -8.56 -4.08 -27.33
CA VAL A 342 -7.52 -4.97 -26.84
C VAL A 342 -6.55 -5.32 -27.97
N ASP A 343 -7.08 -5.87 -29.10
CA ASP A 343 -6.30 -6.27 -30.28
C ASP A 343 -5.46 -5.14 -30.86
N THR A 344 -6.03 -3.92 -30.92
CA THR A 344 -5.34 -2.72 -31.40
C THR A 344 -4.18 -2.36 -30.45
N LEU A 345 -4.43 -2.40 -29.11
CA LEU A 345 -3.40 -2.09 -28.11
C LEU A 345 -2.28 -3.14 -28.08
N LEU A 346 -2.65 -4.44 -28.12
CA LEU A 346 -1.69 -5.55 -28.13
C LEU A 346 -0.82 -5.58 -29.41
N GLY A 347 -1.38 -5.13 -30.54
CA GLY A 347 -0.68 -5.11 -31.83
C GLY A 347 0.53 -4.20 -31.84
N GLU A 348 0.46 -3.10 -31.07
CA GLU A 348 1.52 -2.11 -30.93
C GLU A 348 2.68 -2.57 -30.01
N LEU A 349 2.50 -3.70 -29.26
CA LEU A 349 3.48 -4.23 -28.31
C LEU A 349 4.47 -5.22 -28.93
N ASN A 350 5.56 -5.50 -28.21
CA ASN A 350 6.64 -6.37 -28.67
C ASN A 350 6.86 -7.61 -27.81
N PHE A 351 5.77 -8.17 -27.25
CA PHE A 351 5.86 -9.40 -26.44
C PHE A 351 6.17 -10.60 -27.35
N LEU A 352 6.62 -11.70 -26.75
CA LEU A 352 6.94 -12.94 -27.47
C LEU A 352 5.67 -13.53 -28.12
N PRO A 353 5.65 -13.68 -29.47
CA PRO A 353 4.45 -14.26 -30.13
C PRO A 353 4.05 -15.61 -29.58
N GLY A 354 2.74 -15.81 -29.40
CA GLY A 354 2.19 -17.04 -28.86
C GLY A 354 2.21 -17.13 -27.35
N THR A 355 2.51 -16.02 -26.63
CA THR A 355 2.58 -16.06 -25.16
C THR A 355 1.47 -15.24 -24.48
N VAL A 356 0.46 -14.78 -25.26
CA VAL A 356 -0.68 -14.01 -24.74
C VAL A 356 -1.67 -14.97 -24.11
N PHE A 357 -1.95 -14.79 -22.80
CA PHE A 357 -2.92 -15.56 -22.02
C PHE A 357 -4.02 -14.55 -21.66
N THR A 358 -5.30 -14.93 -21.88
CA THR A 358 -6.46 -14.07 -21.62
C THR A 358 -7.49 -14.75 -20.72
N THR A 359 -8.14 -13.95 -19.88
CA THR A 359 -9.20 -14.33 -18.95
C THR A 359 -10.24 -13.20 -19.03
N ASP A 360 -11.52 -13.57 -18.96
CA ASP A 360 -12.63 -12.64 -18.98
C ASP A 360 -13.42 -12.94 -17.72
N LEU A 361 -13.58 -11.93 -16.84
CA LEU A 361 -14.19 -12.19 -15.54
C LEU A 361 -14.84 -10.94 -14.93
N PRO A 362 -15.73 -11.07 -13.93
CA PRO A 362 -16.34 -9.87 -13.33
C PRO A 362 -15.26 -8.99 -12.65
N TYR A 363 -15.52 -7.69 -12.57
CA TYR A 363 -14.65 -6.70 -11.94
C TYR A 363 -14.27 -7.08 -10.52
N VAL A 364 -15.26 -7.48 -9.68
CA VAL A 364 -15.00 -7.91 -8.31
C VAL A 364 -14.04 -9.07 -8.23
N ASP A 365 -14.22 -10.08 -9.12
CA ASP A 365 -13.37 -11.27 -9.15
C ASP A 365 -11.95 -10.90 -9.50
N PHE A 366 -11.74 -10.00 -10.49
CA PHE A 366 -10.38 -9.56 -10.84
C PHE A 366 -9.72 -8.88 -9.60
N LEU A 367 -10.45 -7.93 -8.97
CA LEU A 367 -9.93 -7.20 -7.80
C LEU A 367 -9.66 -8.09 -6.62
N ASP A 368 -10.34 -9.24 -6.54
CA ASP A 368 -10.15 -10.15 -5.43
C ASP A 368 -9.16 -11.29 -5.70
N ARG A 369 -8.45 -11.28 -6.85
CA ARG A 369 -7.52 -12.31 -7.31
C ARG A 369 -6.47 -12.75 -6.25
N VAL A 370 -5.93 -11.81 -5.44
CA VAL A 370 -4.91 -12.14 -4.44
C VAL A 370 -5.55 -12.88 -3.25
N HIS A 371 -6.82 -12.56 -2.94
CA HIS A 371 -7.51 -13.26 -1.85
C HIS A 371 -7.71 -14.75 -2.23
N LYS A 372 -7.91 -15.02 -3.52
CA LYS A 372 -8.03 -16.39 -4.06
C LYS A 372 -6.70 -17.15 -3.93
N ALA A 373 -5.56 -16.47 -4.14
CA ALA A 373 -4.22 -17.03 -3.95
C ALA A 373 -4.02 -17.30 -2.47
N GLU A 374 -4.54 -16.40 -1.60
CA GLU A 374 -4.46 -16.55 -0.14
C GLU A 374 -5.15 -17.83 0.35
N LEU A 375 -6.36 -18.11 -0.14
CA LEU A 375 -7.11 -19.32 0.24
C LEU A 375 -6.34 -20.60 -0.10
N LYS A 376 -5.70 -20.66 -1.28
CA LYS A 376 -4.89 -21.81 -1.68
C LYS A 376 -3.64 -21.97 -0.79
N LEU A 377 -3.04 -20.86 -0.32
CA LEU A 377 -1.86 -20.89 0.56
C LEU A 377 -2.25 -21.36 1.95
N ARG A 378 -3.41 -20.88 2.46
CA ARG A 378 -3.92 -21.27 3.78
C ARG A 378 -4.18 -22.80 3.82
N ALA A 379 -4.71 -23.37 2.71
CA ALA A 379 -5.00 -24.80 2.54
C ALA A 379 -3.71 -25.66 2.64
N LYS A 380 -2.56 -25.10 2.22
CA LYS A 380 -1.24 -25.75 2.24
C LYS A 380 -0.39 -25.39 3.47
N GLY A 381 -0.93 -24.58 4.39
CA GLY A 381 -0.22 -24.12 5.58
C GLY A 381 0.95 -23.19 5.23
N MET A 382 0.81 -22.48 4.10
CA MET A 382 1.83 -21.61 3.50
C MET A 382 1.50 -20.11 3.56
N TRP A 383 0.50 -19.74 4.38
CA TRP A 383 0.11 -18.34 4.53
C TRP A 383 0.67 -17.75 5.80
N GLU A 384 0.55 -18.48 6.93
CA GLU A 384 1.03 -17.99 8.21
C GLU A 384 2.49 -18.42 8.42
N VAL A 385 3.37 -17.82 7.60
CA VAL A 385 4.81 -18.02 7.57
C VAL A 385 5.45 -16.61 7.59
N PRO A 386 6.78 -16.48 7.87
CA PRO A 386 7.40 -15.15 7.81
C PRO A 386 7.35 -14.61 6.38
N HIS A 387 7.15 -13.30 6.25
CA HIS A 387 7.09 -12.61 4.96
C HIS A 387 8.09 -11.47 4.99
N PRO A 388 9.39 -11.74 4.69
CA PRO A 388 10.37 -10.63 4.69
C PRO A 388 10.27 -9.88 3.35
N TRP A 389 9.15 -9.20 3.15
CA TRP A 389 8.86 -8.48 1.91
C TRP A 389 9.57 -7.17 1.79
N LEU A 390 10.13 -6.89 0.59
CA LEU A 390 10.85 -5.65 0.38
C LEU A 390 10.28 -4.90 -0.81
N ASN A 391 9.97 -3.63 -0.65
CA ASN A 391 9.36 -2.83 -1.74
C ASN A 391 10.20 -1.61 -2.01
N LEU A 392 10.60 -1.45 -3.27
CA LEU A 392 11.42 -0.31 -3.67
C LEU A 392 10.79 0.50 -4.76
N PHE A 393 11.00 1.80 -4.71
CA PHE A 393 10.66 2.71 -5.79
C PHE A 393 12.02 3.01 -6.46
N VAL A 394 12.15 2.65 -7.73
CA VAL A 394 13.44 2.75 -8.47
C VAL A 394 13.29 3.74 -9.63
N PRO A 395 14.15 4.78 -9.72
CA PRO A 395 14.07 5.69 -10.87
C PRO A 395 14.21 4.95 -12.20
N ALA A 396 13.33 5.25 -13.17
CA ALA A 396 13.34 4.59 -14.48
C ALA A 396 14.72 4.69 -15.16
N SER A 397 15.47 5.77 -14.88
CA SER A 397 16.81 5.93 -15.49
C SER A 397 17.81 4.82 -15.03
N ARG A 398 17.51 4.11 -13.92
CA ARG A 398 18.40 3.09 -13.36
C ARG A 398 17.82 1.68 -13.36
N ILE A 399 16.65 1.50 -13.99
CA ILE A 399 15.98 0.19 -14.00
C ILE A 399 16.74 -0.88 -14.81
N ALA A 400 17.47 -0.49 -15.88
CA ALA A 400 18.22 -1.46 -16.69
C ALA A 400 19.32 -2.13 -15.87
N ASP A 401 20.07 -1.33 -15.09
CA ASP A 401 21.18 -1.75 -14.22
C ASP A 401 20.60 -2.60 -13.11
N PHE A 402 19.39 -2.23 -12.66
CA PHE A 402 18.67 -2.95 -11.63
C PHE A 402 18.45 -4.42 -12.02
N ASP A 403 18.03 -4.70 -13.23
CA ASP A 403 17.80 -6.08 -13.73
C ASP A 403 19.08 -6.90 -13.86
N ARG A 404 20.16 -6.21 -14.23
N ARG A 404 20.17 -6.21 -14.22
CA ARG A 404 21.47 -6.81 -14.44
CA ARG A 404 21.48 -6.84 -14.41
C ARG A 404 21.99 -7.38 -13.10
C ARG A 404 21.95 -7.40 -13.07
N GLY A 405 22.10 -6.52 -12.10
CA GLY A 405 22.57 -6.85 -10.78
C GLY A 405 21.61 -7.51 -9.83
N VAL A 406 20.28 -7.43 -10.06
CA VAL A 406 19.32 -8.00 -9.09
C VAL A 406 18.62 -9.23 -9.59
N PHE A 407 17.82 -9.11 -10.66
CA PHE A 407 17.04 -10.24 -11.16
C PHE A 407 17.96 -11.33 -11.69
N ARG A 408 19.08 -10.94 -12.33
CA ARG A 408 20.06 -11.89 -12.88
CA ARG A 408 20.06 -11.89 -12.88
C ARG A 408 21.20 -12.13 -11.90
N GLY A 409 21.55 -11.08 -11.12
CA GLY A 409 22.64 -11.11 -10.15
C GLY A 409 22.32 -11.73 -8.81
N VAL A 410 21.76 -10.93 -7.88
CA VAL A 410 21.39 -11.33 -6.51
C VAL A 410 20.43 -12.54 -6.50
N LEU A 411 19.30 -12.47 -7.24
CA LEU A 411 18.30 -13.56 -7.26
C LEU A 411 18.63 -14.67 -8.22
N GLY A 412 19.59 -14.43 -9.11
CA GLY A 412 20.03 -15.41 -10.11
C GLY A 412 20.71 -16.64 -9.52
N ALA A 416 15.28 -18.14 -2.60
CA ALA A 416 13.93 -18.30 -3.16
C ALA A 416 12.86 -18.67 -2.09
N GLY A 417 13.18 -19.60 -1.18
CA GLY A 417 12.30 -20.06 -0.12
C GLY A 417 11.09 -20.80 -0.62
N ALA A 418 9.89 -20.44 -0.10
CA ALA A 418 8.62 -21.00 -0.54
C ALA A 418 8.18 -20.35 -1.87
N GLY A 419 8.96 -19.36 -2.29
CA GLY A 419 8.71 -18.58 -3.50
C GLY A 419 7.87 -17.36 -3.18
N GLY A 420 7.17 -16.87 -4.17
CA GLY A 420 6.34 -15.68 -4.05
C GLY A 420 6.64 -14.74 -5.21
N PRO A 421 5.77 -13.78 -5.50
CA PRO A 421 6.02 -12.91 -6.66
C PRO A 421 7.13 -11.87 -6.50
N VAL A 422 7.66 -11.43 -7.64
CA VAL A 422 8.57 -10.33 -7.75
C VAL A 422 7.87 -9.39 -8.73
N LEU A 423 7.20 -8.34 -8.23
CA LEU A 423 6.45 -7.38 -9.08
C LEU A 423 7.35 -6.30 -9.62
N ILE A 424 7.02 -5.78 -10.78
CA ILE A 424 7.77 -4.67 -11.40
C ILE A 424 6.87 -3.92 -12.34
N TYR A 425 6.71 -2.63 -12.10
CA TYR A 425 5.92 -1.78 -13.00
C TYR A 425 6.16 -0.31 -12.77
N PRO A 426 6.10 0.50 -13.83
CA PRO A 426 6.35 1.94 -13.67
C PRO A 426 5.09 2.75 -13.34
N MET A 427 5.29 3.94 -12.78
CA MET A 427 4.22 4.87 -12.42
C MET A 427 4.66 6.28 -12.81
N ASN A 428 3.71 7.21 -12.90
CA ASN A 428 3.92 8.62 -13.25
C ASN A 428 3.90 9.45 -12.00
N LYS A 429 5.03 10.12 -11.69
CA LYS A 429 5.15 10.95 -10.49
C LYS A 429 4.12 12.11 -10.46
N HIS A 430 3.72 12.66 -11.63
CA HIS A 430 2.77 13.80 -11.65
C HIS A 430 1.39 13.46 -11.06
N LYS A 431 1.08 12.15 -10.88
CA LYS A 431 -0.16 11.68 -10.25
C LYS A 431 -0.09 11.60 -8.73
N TRP A 432 1.09 11.93 -8.19
CA TRP A 432 1.36 11.93 -6.75
C TRP A 432 1.47 13.39 -6.33
N ASP A 433 0.66 13.83 -5.38
CA ASP A 433 0.71 15.23 -4.93
C ASP A 433 2.01 15.45 -4.11
N PRO A 434 2.90 16.39 -4.51
CA PRO A 434 4.16 16.58 -3.76
C PRO A 434 4.01 17.13 -2.34
N ARG A 435 2.81 17.59 -1.96
CA ARG A 435 2.55 18.13 -0.63
C ARG A 435 2.35 17.00 0.37
N SER A 436 2.08 15.76 -0.11
CA SER A 436 1.87 14.62 0.81
C SER A 436 3.18 14.18 1.50
N SER A 437 3.08 13.32 2.53
CA SER A 437 4.26 12.78 3.20
C SER A 437 4.93 11.65 2.38
N ALA A 438 4.25 11.11 1.33
CA ALA A 438 4.83 10.00 0.56
C ALA A 438 6.18 10.36 -0.09
N VAL A 439 7.13 9.44 0.00
CA VAL A 439 8.50 9.59 -0.53
C VAL A 439 8.69 8.80 -1.80
N THR A 440 8.88 9.54 -2.90
CA THR A 440 9.11 8.88 -4.18
C THR A 440 10.49 9.32 -4.72
N PRO A 441 11.11 8.58 -5.65
CA PRO A 441 12.37 9.06 -6.27
C PRO A 441 12.14 10.39 -7.00
N ASP A 442 13.21 11.18 -7.17
CA ASP A 442 13.16 12.48 -7.84
C ASP A 442 13.29 12.33 -9.37
N GLU A 443 12.33 11.62 -9.96
CA GLU A 443 12.26 11.36 -11.39
C GLU A 443 10.81 11.20 -11.75
N GLU A 444 10.43 11.65 -12.97
CA GLU A 444 9.05 11.66 -13.46
C GLU A 444 8.45 10.25 -13.58
N VAL A 445 9.27 9.28 -13.99
CA VAL A 445 8.81 7.90 -14.10
C VAL A 445 9.67 7.07 -13.16
N PHE A 446 9.01 6.27 -12.30
CA PHE A 446 9.75 5.37 -11.41
C PHE A 446 8.99 4.06 -11.34
N TYR A 447 9.69 2.99 -10.99
CA TYR A 447 9.13 1.67 -10.86
C TYR A 447 8.92 1.25 -9.44
N LEU A 448 7.86 0.48 -9.22
CA LEU A 448 7.76 -0.29 -8.01
C LEU A 448 8.49 -1.60 -8.36
N VAL A 449 9.38 -2.04 -7.47
CA VAL A 449 9.99 -3.35 -7.53
C VAL A 449 9.65 -3.99 -6.18
N ALA A 450 8.83 -5.02 -6.23
CA ALA A 450 8.33 -5.66 -5.02
C ALA A 450 8.82 -7.08 -4.88
N PHE A 451 9.65 -7.34 -3.86
CA PHE A 451 10.23 -8.67 -3.59
C PHE A 451 9.31 -9.29 -2.54
N LEU A 452 8.36 -10.12 -3.00
CA LEU A 452 7.29 -10.67 -2.15
C LEU A 452 7.51 -12.13 -1.90
N ARG A 453 8.72 -12.46 -1.47
CA ARG A 453 9.09 -13.84 -1.24
C ARG A 453 8.85 -14.27 0.17
N SER A 454 8.24 -15.43 0.33
CA SER A 454 7.93 -15.97 1.65
C SER A 454 8.93 -17.03 2.07
N ALA A 455 9.16 -17.11 3.38
CA ALA A 455 10.02 -18.12 3.98
C ALA A 455 9.27 -19.47 4.01
N LEU A 456 10.03 -20.57 4.12
CA LEU A 456 9.48 -21.92 4.23
C LEU A 456 8.82 -22.05 5.61
N PRO A 457 7.69 -22.80 5.77
CA PRO A 457 7.07 -22.90 7.11
C PRO A 457 7.96 -23.58 8.15
N GLY A 458 7.98 -23.03 9.36
CA GLY A 458 8.75 -23.53 10.50
C GLY A 458 10.25 -23.72 10.27
N ALA A 459 10.82 -22.98 9.25
CA ALA A 459 12.24 -23.03 8.84
C ALA A 459 12.88 -21.65 9.04
N PRO A 460 13.38 -21.33 10.26
CA PRO A 460 13.99 -20.01 10.49
C PRO A 460 15.14 -19.63 9.55
N GLU A 461 15.94 -20.61 9.11
CA GLU A 461 17.09 -20.39 8.19
C GLU A 461 16.64 -19.86 6.80
N SER A 462 15.40 -20.18 6.38
CA SER A 462 14.83 -19.74 5.09
C SER A 462 14.62 -18.22 5.17
N LEU A 463 14.06 -17.75 6.29
CA LEU A 463 13.85 -16.33 6.62
C LEU A 463 15.21 -15.61 6.65
N GLU A 464 16.22 -16.21 7.31
CA GLU A 464 17.54 -15.60 7.40
C GLU A 464 18.19 -15.43 6.04
N ALA A 465 18.03 -16.41 5.14
CA ALA A 465 18.61 -16.39 3.78
C ALA A 465 17.92 -15.31 2.93
N LEU A 466 16.61 -15.18 3.08
CA LEU A 466 15.84 -14.14 2.42
C LEU A 466 16.22 -12.78 2.96
N ALA A 467 16.41 -12.64 4.27
CA ALA A 467 16.83 -11.32 4.81
C ALA A 467 18.24 -10.91 4.27
N ARG A 468 19.15 -11.89 4.11
CA ARG A 468 20.47 -11.63 3.53
C ARG A 468 20.32 -11.19 2.07
N GLN A 469 19.42 -11.84 1.30
CA GLN A 469 19.16 -11.45 -0.09
C GLN A 469 18.66 -10.00 -0.17
N ASN A 470 17.72 -9.62 0.73
CA ASN A 470 17.17 -8.25 0.80
C ASN A 470 18.30 -7.26 1.09
N GLN A 471 19.21 -7.61 2.01
CA GLN A 471 20.31 -6.68 2.32
C GLN A 471 21.25 -6.51 1.10
N ARG A 472 21.49 -7.59 0.34
CA ARG A 472 22.30 -7.59 -0.89
C ARG A 472 21.66 -6.67 -1.95
N ILE A 473 20.32 -6.67 -2.05
CA ILE A 473 19.60 -5.78 -2.97
C ILE A 473 19.81 -4.30 -2.56
N LEU A 474 19.66 -3.99 -1.26
CA LEU A 474 19.85 -2.62 -0.74
C LEU A 474 21.32 -2.16 -0.94
N ASP A 475 22.27 -3.09 -0.68
CA ASP A 475 23.71 -2.81 -0.83
C ASP A 475 24.05 -2.55 -2.31
N PHE A 476 23.38 -3.28 -3.23
CA PHE A 476 23.52 -3.09 -4.67
C PHE A 476 23.06 -1.68 -5.06
N CYS A 477 21.90 -1.22 -4.56
CA CYS A 477 21.39 0.10 -4.88
C CYS A 477 22.34 1.17 -4.35
N ALA A 478 22.81 0.99 -3.10
CA ALA A 478 23.74 1.91 -2.44
C ALA A 478 25.09 2.01 -3.18
N GLY A 479 25.66 0.85 -3.53
CA GLY A 479 26.96 0.73 -4.18
C GLY A 479 27.06 1.31 -5.58
N THR A 480 25.93 1.36 -6.31
CA THR A 480 25.87 1.88 -7.68
C THR A 480 25.15 3.22 -7.74
N GLY A 481 24.80 3.76 -6.57
CA GLY A 481 24.17 5.07 -6.46
C GLY A 481 22.79 5.17 -7.07
N ILE A 482 22.03 4.06 -6.99
CA ILE A 482 20.65 4.09 -7.50
C ILE A 482 19.86 4.85 -6.42
N GLY A 483 19.25 5.95 -6.80
CA GLY A 483 18.44 6.74 -5.88
C GLY A 483 17.09 6.09 -5.60
N ALA A 484 17.10 4.79 -5.23
CA ALA A 484 15.86 4.07 -4.86
C ALA A 484 15.36 4.57 -3.48
N LYS A 485 14.06 4.40 -3.23
CA LYS A 485 13.42 4.75 -1.96
C LYS A 485 12.57 3.57 -1.53
N GLN A 486 12.63 3.19 -0.24
CA GLN A 486 11.74 2.10 0.18
C GLN A 486 10.32 2.64 0.28
N TYR A 487 9.38 1.81 -0.14
CA TYR A 487 7.95 1.98 0.04
C TYR A 487 7.68 1.06 1.29
N LEU A 488 6.82 1.50 2.23
CA LEU A 488 6.55 0.83 3.55
C LEU A 488 7.94 0.76 4.22
N PRO A 489 8.63 1.92 4.38
CA PRO A 489 10.05 1.86 4.80
C PRO A 489 10.28 1.14 6.12
N GLY A 490 11.26 0.24 6.10
CA GLY A 490 11.66 -0.56 7.24
C GLY A 490 12.82 0.01 8.03
N HIS A 491 13.16 1.32 7.80
CA HIS A 491 14.28 1.98 8.50
C HIS A 491 14.12 2.01 10.03
N LYS A 492 15.24 2.00 10.73
CA LYS A 492 15.22 2.01 12.19
C LYS A 492 16.06 3.16 12.79
N ALA A 493 17.18 3.55 12.13
CA ALA A 493 18.09 4.60 12.59
C ALA A 493 17.76 5.98 12.03
N ARG A 494 17.98 7.03 12.85
CA ARG A 494 17.72 8.43 12.50
C ARG A 494 18.43 8.87 11.23
N HIS A 495 19.72 8.46 11.05
CA HIS A 495 20.45 8.81 9.83
C HIS A 495 19.83 8.13 8.58
N GLU A 496 19.25 6.91 8.74
CA GLU A 496 18.53 6.21 7.65
C GLU A 496 17.25 6.98 7.29
N TRP A 497 16.48 7.46 8.30
CA TRP A 497 15.26 8.25 8.06
C TRP A 497 15.56 9.59 7.41
N ALA A 498 16.63 10.28 7.85
CA ALA A 498 17.05 11.57 7.29
C ALA A 498 17.43 11.43 5.81
N GLU A 499 18.14 10.35 5.47
CA GLU A 499 18.54 10.01 4.10
C GLU A 499 17.29 9.67 3.25
N HIS A 500 16.34 8.89 3.81
CA HIS A 500 15.09 8.48 3.14
C HIS A 500 14.29 9.73 2.72
N PHE A 501 14.04 10.63 3.67
CA PHE A 501 13.27 11.85 3.41
C PHE A 501 14.07 12.92 2.66
N GLY A 502 15.33 13.11 2.99
CA GLY A 502 16.09 14.24 2.44
C GLY A 502 15.83 15.43 3.36
N ALA A 503 16.68 16.47 3.30
CA ALA A 503 16.59 17.61 4.21
C ALA A 503 15.25 18.36 4.23
N ALA A 504 14.74 18.79 3.07
CA ALA A 504 13.46 19.52 2.97
C ALA A 504 12.27 18.71 3.52
N ARG A 505 12.07 17.47 3.03
CA ARG A 505 10.96 16.61 3.48
CA ARG A 505 10.96 16.60 3.47
C ARG A 505 11.09 16.23 4.95
N TRP A 506 12.34 16.02 5.45
CA TRP A 506 12.55 15.70 6.87
C TRP A 506 12.14 16.84 7.77
N ASP A 507 12.53 18.07 7.40
CA ASP A 507 12.17 19.27 8.14
C ASP A 507 10.64 19.43 8.22
N ARG A 508 9.95 19.25 7.08
CA ARG A 508 8.48 19.32 7.06
C ARG A 508 7.86 18.21 7.95
N PHE A 509 8.40 16.98 7.89
CA PHE A 509 7.93 15.82 8.67
C PHE A 509 8.08 16.03 10.18
N ALA A 510 9.27 16.49 10.62
CA ALA A 510 9.58 16.78 12.03
C ALA A 510 8.71 17.92 12.57
N ARG A 511 8.48 18.98 11.75
CA ARG A 511 7.63 20.11 12.13
C ARG A 511 6.18 19.67 12.32
N LEU A 512 5.71 18.71 11.47
CA LEU A 512 4.36 18.17 11.62
C LEU A 512 4.27 17.34 12.89
N LYS A 513 5.34 16.58 13.22
CA LYS A 513 5.33 15.76 14.44
C LYS A 513 5.25 16.65 15.68
N ALA A 514 6.07 17.72 15.74
CA ALA A 514 6.11 18.67 16.86
C ALA A 514 4.71 19.30 17.12
N GLU A 515 3.95 19.50 16.04
CA GLU A 515 2.63 20.10 16.07
C GLU A 515 1.51 19.10 16.43
N PHE A 516 1.48 17.92 15.77
CA PHE A 516 0.36 16.99 15.96
C PHE A 516 0.60 15.80 16.90
N ASP A 517 1.87 15.40 17.14
CA ASP A 517 2.16 14.29 18.07
C ASP A 517 3.48 14.59 18.85
N PRO A 518 3.50 15.70 19.66
CA PRO A 518 4.74 16.08 20.37
C PRO A 518 5.31 15.05 21.32
N ARG A 519 4.47 14.18 21.91
CA ARG A 519 4.97 13.17 22.83
C ARG A 519 5.33 11.85 22.13
N ALA A 520 5.22 11.81 20.77
CA ALA A 520 5.53 10.64 19.93
C ALA A 520 4.78 9.39 20.39
N ILE A 521 3.51 9.56 20.77
CA ILE A 521 2.63 8.47 21.22
C ILE A 521 2.23 7.56 20.03
N LEU A 522 1.93 8.15 18.88
CA LEU A 522 1.36 7.42 17.75
C LEU A 522 2.33 6.74 16.82
N ALA A 523 1.95 5.49 16.44
CA ALA A 523 2.67 4.65 15.46
C ALA A 523 4.18 4.61 15.75
N ALA A 524 4.55 4.42 17.04
CA ALA A 524 5.93 4.36 17.50
C ALA A 524 6.66 3.14 16.96
N GLY A 525 5.91 2.12 16.53
CA GLY A 525 6.47 0.93 15.90
C GLY A 525 7.18 1.22 14.57
N GLN A 526 6.92 2.39 13.97
CA GLN A 526 7.58 2.82 12.72
C GLN A 526 9.07 3.17 13.04
N GLY A 527 9.35 3.48 14.32
CA GLY A 527 10.70 3.77 14.81
C GLY A 527 11.32 5.02 14.22
N ILE A 528 10.52 6.08 14.08
CA ILE A 528 11.00 7.34 13.53
C ILE A 528 11.35 8.30 14.69
N PHE A 529 10.41 8.47 15.63
CA PHE A 529 10.56 9.39 16.75
C PHE A 529 10.49 8.68 18.09
N ARG A 530 11.10 9.28 19.11
CA ARG A 530 11.06 8.79 20.48
C ARG A 530 10.51 9.91 21.39
N PRO A 531 9.85 9.59 22.53
CA PRO A 531 9.30 10.67 23.39
C PRO A 531 10.35 11.70 23.85
N PRO A 532 9.98 13.01 23.91
CA PRO A 532 10.98 14.03 24.32
C PRO A 532 11.35 13.98 25.81
#